data_7VSF
#
_entry.id   7VSF
#
_cell.length_a   112.947
_cell.length_b   55.550
_cell.length_c   67.281
_cell.angle_alpha   90.00
_cell.angle_beta   93.52
_cell.angle_gamma   90.00
#
_symmetry.space_group_name_H-M   'C 1 2 1'
#
loop_
_entity.id
_entity.type
_entity.pdbx_description
1 polymer 'Bromodomain-containing protein 2'
2 non-polymer 3-methyl-7-propyl-purine-2,6-dione
3 non-polymer '4-(2-HYDROXYETHYL)-1-PIPERAZINE ETHANESULFONIC ACID'
4 non-polymer 'SULFATE ION'
5 water water
#
_entity_poly.entity_id   1
_entity_poly.type   'polypeptide(L)'
_entity_poly.pdbx_seq_one_letter_code
;GSHMGRVTNQLQYLHKVVMKALWKHQFAWPFRQPVDAVKLGLPDYHKIIKQPMDMGTIKRRLENNYYWAASECMQDFNTM
FTNCYIYNKPTDDIVLMAQTLEKIFLQKVASMPQEEQELVVTIPKN
;
_entity_poly.pdbx_strand_id   A,B,C
#
loop_
_chem_comp.id
_chem_comp.type
_chem_comp.name
_chem_comp.formula
7UM non-polymer 3-methyl-7-propyl-purine-2,6-dione 'C9 H12 N4 O2'
EPE non-polymer '4-(2-HYDROXYETHYL)-1-PIPERAZINE ETHANESULFONIC ACID' 'C8 H18 N2 O4 S'
SO4 non-polymer 'SULFATE ION' 'O4 S -2'
#
# COMPACT_ATOMS: atom_id res chain seq x y z
N VAL A 7 6.64 13.06 -11.23
CA VAL A 7 6.25 11.66 -11.47
C VAL A 7 7.38 10.69 -11.11
N THR A 8 7.20 9.96 -10.01
CA THR A 8 8.17 8.96 -9.56
C THR A 8 7.50 7.59 -9.46
N ASN A 9 8.34 6.54 -9.46
CA ASN A 9 7.83 5.17 -9.48
C ASN A 9 6.99 4.84 -8.25
N GLN A 10 7.17 5.57 -7.15
CA GLN A 10 6.39 5.39 -5.94
C GLN A 10 5.10 6.20 -5.99
N LEU A 11 5.18 7.45 -6.44
CA LEU A 11 3.98 8.24 -6.67
C LEU A 11 3.08 7.59 -7.72
N GLN A 12 3.69 6.91 -8.70
CA GLN A 12 2.94 6.19 -9.71
C GLN A 12 2.26 4.97 -9.11
N TYR A 13 2.97 4.28 -8.22
CA TYR A 13 2.40 3.15 -7.52
C TYR A 13 1.34 3.59 -6.54
N LEU A 14 1.52 4.75 -5.92
CA LEU A 14 0.51 5.26 -5.00
C LEU A 14 -0.72 5.70 -5.76
N HIS A 15 -0.55 6.14 -7.00
CA HIS A 15 -1.70 6.56 -7.79
C HIS A 15 -2.49 5.37 -8.31
N LYS A 16 -1.82 4.42 -8.97
CA LYS A 16 -2.51 3.38 -9.72
C LYS A 16 -2.80 2.12 -8.91
N VAL A 17 -2.08 1.87 -7.82
CA VAL A 17 -2.31 0.70 -6.99
C VAL A 17 -3.01 1.07 -5.70
N VAL A 18 -2.45 2.01 -4.93
CA VAL A 18 -3.02 2.33 -3.62
C VAL A 18 -4.31 3.13 -3.78
N MET A 19 -4.23 4.28 -4.43
CA MET A 19 -5.41 5.12 -4.57
C MET A 19 -6.49 4.43 -5.39
N LYS A 20 -6.12 3.55 -6.33
CA LYS A 20 -7.16 2.84 -7.08
C LYS A 20 -7.88 1.84 -6.20
N ALA A 21 -7.14 1.13 -5.34
CA ALA A 21 -7.80 0.19 -4.42
C ALA A 21 -8.72 0.92 -3.45
N LEU A 22 -8.27 2.03 -2.85
CA LEU A 22 -9.02 2.67 -1.77
C LEU A 22 -10.19 3.51 -2.29
N TRP A 23 -10.13 4.07 -3.47
CA TRP A 23 -11.21 4.99 -3.90
C TRP A 23 -12.51 4.26 -4.21
N LYS A 24 -12.41 3.01 -4.65
CA LYS A 24 -13.59 2.25 -5.10
C LYS A 24 -14.08 1.33 -4.00
N HIS A 25 -13.40 1.34 -2.87
CA HIS A 25 -13.78 0.45 -1.75
C HIS A 25 -15.13 0.86 -1.18
N GLN A 26 -15.81 -0.14 -0.65
CA GLN A 26 -17.15 0.10 -0.11
C GLN A 26 -17.14 0.87 1.20
N PHE A 27 -15.99 1.02 1.86
CA PHE A 27 -15.92 1.88 3.04
C PHE A 27 -15.20 3.19 2.75
N ALA A 28 -15.02 3.53 1.47
CA ALA A 28 -14.29 4.73 1.07
C ALA A 28 -15.16 5.98 1.17
N TRP A 29 -16.48 5.86 0.99
CA TRP A 29 -17.30 7.05 0.79
C TRP A 29 -17.22 8.09 1.90
N PRO A 30 -16.95 7.77 3.17
CA PRO A 30 -16.80 8.84 4.18
C PRO A 30 -15.55 9.67 4.01
N PHE A 31 -14.63 9.26 3.14
CA PHE A 31 -13.31 9.87 3.04
C PHE A 31 -13.05 10.42 1.65
N ARG A 32 -13.99 10.28 0.72
CA ARG A 32 -13.86 10.74 -0.66
C ARG A 32 -13.89 12.27 -0.79
N GLN A 33 -14.15 12.99 0.29
CA GLN A 33 -14.21 14.45 0.27
C GLN A 33 -13.99 14.95 1.69
N PRO A 34 -13.61 16.22 1.86
CA PRO A 34 -13.30 16.73 3.20
C PRO A 34 -14.47 16.58 4.17
N VAL A 35 -14.11 16.63 5.46
CA VAL A 35 -15.07 16.55 6.55
C VAL A 35 -15.88 17.85 6.56
N ASP A 36 -17.16 17.76 6.20
CA ASP A 36 -18.06 18.92 6.26
C ASP A 36 -18.70 18.94 7.63
N ALA A 37 -18.20 19.83 8.51
CA ALA A 37 -18.58 19.80 9.92
C ALA A 37 -20.03 20.23 10.13
N VAL A 38 -20.57 21.13 9.29
CA VAL A 38 -21.98 21.51 9.43
C VAL A 38 -22.90 20.43 8.85
N LYS A 39 -22.46 19.75 7.79
CA LYS A 39 -23.31 18.73 7.16
C LYS A 39 -23.37 17.48 8.04
N LEU A 40 -22.24 17.13 8.66
CA LEU A 40 -22.14 15.96 9.51
C LEU A 40 -22.56 16.23 10.96
N GLY A 41 -22.90 17.46 11.29
CA GLY A 41 -23.28 17.79 12.65
C GLY A 41 -22.18 17.47 13.64
N LEU A 42 -21.00 18.07 13.44
CA LEU A 42 -19.81 17.79 14.25
C LEU A 42 -19.13 19.13 14.51
N PRO A 43 -19.60 19.89 15.51
CA PRO A 43 -19.20 21.30 15.62
C PRO A 43 -17.78 21.47 16.11
N ASP A 44 -17.31 20.57 16.97
CA ASP A 44 -15.98 20.60 17.54
C ASP A 44 -14.89 20.11 16.59
N TYR A 45 -15.24 19.69 15.37
CA TYR A 45 -14.31 18.91 14.57
C TYR A 45 -13.02 19.69 14.29
N HIS A 46 -13.15 20.87 13.69
CA HIS A 46 -12.00 21.71 13.36
C HIS A 46 -11.35 22.34 14.58
N LYS A 47 -11.86 22.07 15.78
CA LYS A 47 -11.12 22.40 16.98
C LYS A 47 -10.19 21.25 17.37
N ILE A 48 -10.65 20.01 17.20
CA ILE A 48 -9.85 18.85 17.53
C ILE A 48 -8.88 18.50 16.41
N ILE A 49 -9.28 18.70 15.17
CA ILE A 49 -8.56 18.22 13.99
C ILE A 49 -8.09 19.47 13.27
N LYS A 50 -6.83 19.83 13.49
CA LYS A 50 -6.34 21.09 12.95
C LYS A 50 -5.80 20.94 11.53
N GLN A 51 -5.68 19.72 11.01
CA GLN A 51 -5.12 19.48 9.67
C GLN A 51 -5.98 18.46 8.95
N PRO A 52 -7.13 18.87 8.43
CA PRO A 52 -8.03 17.90 7.80
C PRO A 52 -7.41 17.32 6.52
N MET A 53 -7.84 16.11 6.16
CA MET A 53 -7.33 15.43 4.97
C MET A 53 -8.29 14.33 4.57
N ASP A 54 -8.31 14.02 3.27
CA ASP A 54 -9.33 13.17 2.69
C ASP A 54 -8.84 12.70 1.33
N MET A 55 -9.50 11.65 0.81
CA MET A 55 -9.00 10.97 -0.39
C MET A 55 -9.20 11.80 -1.65
N GLY A 56 -10.26 12.61 -1.71
CA GLY A 56 -10.45 13.44 -2.88
C GLY A 56 -9.28 14.38 -3.08
N THR A 57 -8.82 15.01 -1.98
CA THR A 57 -7.65 15.87 -2.04
C THR A 57 -6.41 15.09 -2.45
N ILE A 58 -6.16 13.97 -1.82
CA ILE A 58 -4.92 13.22 -2.15
C ILE A 58 -4.89 12.84 -3.64
N LYS A 59 -6.01 12.44 -4.23
CA LYS A 59 -6.08 11.95 -5.63
C LYS A 59 -5.87 13.09 -6.62
N ARG A 60 -6.45 14.26 -6.35
CA ARG A 60 -6.25 15.46 -7.20
C ARG A 60 -4.77 15.81 -7.19
N ARG A 61 -4.11 15.66 -6.08
CA ARG A 61 -2.69 16.03 -5.97
C ARG A 61 -1.86 15.01 -6.73
N LEU A 62 -2.17 13.75 -6.57
CA LEU A 62 -1.45 12.73 -7.38
C LEU A 62 -1.69 13.08 -8.84
N GLU A 63 -2.95 13.34 -9.20
CA GLU A 63 -3.29 13.67 -10.59
C GLU A 63 -2.70 15.00 -11.06
N ASN A 64 -2.28 15.87 -10.14
CA ASN A 64 -1.79 17.21 -10.48
C ASN A 64 -0.30 17.39 -10.24
N ASN A 65 0.44 16.30 -10.01
CA ASN A 65 1.88 16.35 -9.74
C ASN A 65 2.20 17.14 -8.48
N TYR A 66 1.23 17.30 -7.57
CA TYR A 66 1.47 18.13 -6.40
C TYR A 66 2.58 17.55 -5.52
N TYR A 67 2.60 16.24 -5.35
CA TYR A 67 3.58 15.62 -4.47
C TYR A 67 4.95 15.54 -5.15
N TRP A 68 5.99 15.51 -4.33
CA TRP A 68 7.38 15.46 -4.78
C TRP A 68 8.09 14.18 -4.38
N ALA A 69 7.80 13.66 -3.19
CA ALA A 69 8.59 12.51 -2.71
C ALA A 69 7.77 11.35 -2.19
N ALA A 70 6.50 11.23 -2.53
CA ALA A 70 5.69 10.04 -2.19
C ALA A 70 5.42 9.93 -0.72
N SER A 71 6.45 9.85 0.09
CA SER A 71 6.29 9.88 1.55
C SER A 71 5.40 11.05 1.95
N GLU A 72 5.45 12.17 1.27
CA GLU A 72 4.51 13.24 1.62
C GLU A 72 3.09 12.80 1.33
N CYS A 73 2.90 12.07 0.24
CA CYS A 73 1.57 11.53 -0.04
C CYS A 73 1.22 10.41 0.93
N MET A 74 2.19 9.56 1.26
CA MET A 74 1.96 8.57 2.31
C MET A 74 1.54 9.22 3.61
N GLN A 75 2.11 10.38 3.94
CA GLN A 75 1.75 11.05 5.19
C GLN A 75 0.35 11.64 5.12
N ASP A 76 -0.08 12.07 3.95
CA ASP A 76 -1.42 12.61 3.86
C ASP A 76 -2.47 11.52 4.09
N PHE A 77 -2.26 10.32 3.52
CA PHE A 77 -3.06 9.14 3.86
C PHE A 77 -3.07 8.88 5.35
N ASN A 78 -1.90 8.92 5.98
CA ASN A 78 -1.79 8.61 7.40
C ASN A 78 -2.51 9.64 8.27
N THR A 79 -2.33 10.96 7.98
N THR A 79 -2.31 10.94 7.94
CA THR A 79 -3.07 11.90 8.81
CA THR A 79 -3.02 12.01 8.64
C THR A 79 -4.57 11.81 8.57
C THR A 79 -4.53 11.81 8.55
N MET A 80 -5.00 11.37 7.38
CA MET A 80 -6.43 11.14 7.19
C MET A 80 -6.94 10.08 8.15
N PHE A 81 -6.28 8.92 8.16
CA PHE A 81 -6.71 7.84 9.03
C PHE A 81 -6.63 8.24 10.50
N THR A 82 -5.53 8.89 10.91
CA THR A 82 -5.43 9.19 12.32
C THR A 82 -6.43 10.28 12.73
N ASN A 83 -6.70 11.27 11.88
CA ASN A 83 -7.76 12.23 12.21
C ASN A 83 -9.03 11.50 12.62
N CYS A 84 -9.41 10.45 11.88
CA CYS A 84 -10.60 9.70 12.21
C CYS A 84 -10.49 9.00 13.58
N TYR A 85 -9.35 8.32 13.84
CA TYR A 85 -9.20 7.65 15.14
C TYR A 85 -9.13 8.64 16.29
N ILE A 86 -8.47 9.78 16.06
CA ILE A 86 -8.35 10.78 17.12
C ILE A 86 -9.73 11.38 17.44
N TYR A 87 -10.49 11.75 16.41
CA TYR A 87 -11.69 12.55 16.67
C TYR A 87 -12.86 11.70 17.15
N ASN A 88 -13.14 10.58 16.46
CA ASN A 88 -14.36 9.81 16.71
C ASN A 88 -14.23 8.92 17.96
N LYS A 89 -15.39 8.53 18.50
CA LYS A 89 -15.43 7.55 19.59
C LYS A 89 -14.82 6.23 19.14
N PRO A 90 -14.24 5.43 20.07
CA PRO A 90 -13.71 4.12 19.71
C PRO A 90 -14.76 3.13 19.17
N THR A 91 -16.02 3.32 19.52
CA THR A 91 -17.10 2.37 19.17
C THR A 91 -17.74 2.75 17.84
N ASP A 92 -17.34 3.87 17.27
CA ASP A 92 -17.98 4.37 16.04
C ASP A 92 -17.66 3.52 14.81
N ASP A 93 -18.68 3.09 14.09
CA ASP A 93 -18.51 2.39 12.82
C ASP A 93 -17.44 3.03 11.93
N ILE A 94 -17.40 4.38 11.89
CA ILE A 94 -16.42 5.08 11.05
C ILE A 94 -15.00 4.62 11.37
N VAL A 95 -14.71 4.36 12.65
CA VAL A 95 -13.37 3.91 13.04
C VAL A 95 -13.06 2.55 12.42
N LEU A 96 -14.03 1.64 12.40
CA LEU A 96 -13.80 0.33 11.79
C LEU A 96 -13.61 0.46 10.28
N MET A 97 -14.32 1.42 9.66
CA MET A 97 -14.12 1.66 8.24
C MET A 97 -12.74 2.24 7.97
N ALA A 98 -12.22 3.07 8.88
CA ALA A 98 -10.88 3.60 8.72
C ALA A 98 -9.84 2.50 8.88
N GLN A 99 -10.02 1.62 9.85
CA GLN A 99 -9.09 0.51 10.02
C GLN A 99 -9.06 -0.39 8.79
N THR A 100 -10.22 -0.63 8.16
CA THR A 100 -10.23 -1.57 7.05
C THR A 100 -9.56 -0.97 5.82
N LEU A 101 -9.79 0.31 5.51
CA LEU A 101 -9.08 0.97 4.42
C LEU A 101 -7.60 1.07 4.69
N GLU A 102 -7.22 1.21 5.96
CA GLU A 102 -5.82 1.40 6.28
C GLU A 102 -5.03 0.11 6.11
N LYS A 103 -5.54 -1.02 6.61
CA LYS A 103 -4.85 -2.29 6.41
C LYS A 103 -4.51 -2.48 4.94
N ILE A 104 -5.43 -2.11 4.04
CA ILE A 104 -5.20 -2.23 2.61
C ILE A 104 -4.06 -1.32 2.17
N PHE A 105 -4.13 -0.04 2.57
CA PHE A 105 -3.04 0.91 2.31
C PHE A 105 -1.69 0.34 2.74
N LEU A 106 -1.62 -0.20 3.95
CA LEU A 106 -0.37 -0.76 4.44
C LEU A 106 0.05 -1.96 3.61
N GLN A 107 -0.88 -2.87 3.32
CA GLN A 107 -0.54 -4.01 2.48
C GLN A 107 0.10 -3.53 1.19
N LYS A 108 -0.53 -2.56 0.53
CA LYS A 108 -0.03 -2.15 -0.77
C LYS A 108 1.29 -1.42 -0.66
N VAL A 109 1.49 -0.59 0.38
CA VAL A 109 2.81 0.03 0.52
C VAL A 109 3.90 -1.00 0.87
N ALA A 110 3.50 -2.15 1.44
CA ALA A 110 4.47 -3.18 1.79
C ALA A 110 5.17 -3.73 0.56
N SER A 111 4.53 -3.66 -0.61
CA SER A 111 5.09 -4.14 -1.86
C SER A 111 5.43 -3.01 -2.81
N MET A 112 5.76 -1.92 -2.31
CA MET A 112 6.13 -0.71 -3.03
C MET A 112 7.64 -0.69 -3.30
N PRO A 113 8.11 -0.04 -4.37
CA PRO A 113 9.55 -0.07 -4.68
C PRO A 113 10.34 1.13 -4.19
N GLN A 114 11.65 1.15 -4.47
CA GLN A 114 12.59 2.24 -4.13
C GLN A 114 12.63 2.46 -2.62
N THR B 8 12.73 -13.85 5.47
CA THR B 8 12.87 -12.93 4.34
C THR B 8 13.78 -11.76 4.70
N ASN B 9 14.19 -11.03 3.65
CA ASN B 9 14.97 -9.81 3.82
C ASN B 9 14.11 -8.66 4.32
N GLN B 10 12.82 -8.65 3.95
CA GLN B 10 11.91 -7.61 4.42
C GLN B 10 11.80 -7.64 5.95
N LEU B 11 11.64 -8.83 6.52
CA LEU B 11 11.51 -8.93 7.97
C LEU B 11 12.79 -8.49 8.67
N GLN B 12 13.94 -8.70 8.02
CA GLN B 12 15.21 -8.22 8.57
C GLN B 12 15.34 -6.72 8.45
N TYR B 13 14.89 -6.14 7.34
CA TYR B 13 14.90 -4.69 7.20
C TYR B 13 13.99 -4.04 8.25
N LEU B 14 12.83 -4.64 8.49
CA LEU B 14 11.91 -4.14 9.51
C LEU B 14 12.46 -4.35 10.92
N HIS B 15 13.27 -5.38 11.11
CA HIS B 15 13.93 -5.58 12.41
C HIS B 15 15.12 -4.66 12.59
N LYS B 16 15.95 -4.50 11.56
CA LYS B 16 17.27 -3.91 11.73
C LYS B 16 17.38 -2.46 11.27
N VAL B 17 16.46 -1.97 10.46
CA VAL B 17 16.40 -0.56 10.11
C VAL B 17 15.19 0.12 10.73
N VAL B 18 14.02 -0.49 10.58
CA VAL B 18 12.76 0.15 10.97
C VAL B 18 12.60 0.13 12.48
N MET B 19 12.67 -1.06 13.08
CA MET B 19 12.51 -1.15 14.53
C MET B 19 13.69 -0.51 15.24
N LYS B 20 14.89 -0.58 14.66
CA LYS B 20 16.06 0.10 15.21
C LYS B 20 15.78 1.60 15.36
N ALA B 21 15.38 2.26 14.26
CA ALA B 21 15.19 3.69 14.25
C ALA B 21 14.02 4.17 15.14
N LEU B 22 13.05 3.32 15.45
CA LEU B 22 11.98 3.80 16.32
C LEU B 22 12.23 3.51 17.78
N TRP B 23 13.07 2.51 18.08
CA TRP B 23 13.14 2.05 19.46
C TRP B 23 13.95 3.00 20.33
N LYS B 24 15.04 3.53 19.80
CA LYS B 24 15.88 4.47 20.54
C LYS B 24 15.41 5.90 20.41
N HIS B 25 14.24 6.11 19.79
CA HIS B 25 13.74 7.46 19.66
C HIS B 25 13.37 8.00 21.04
N GLN B 26 13.48 9.33 21.19
CA GLN B 26 13.12 9.88 22.49
C GLN B 26 11.64 9.80 22.81
N PHE B 27 10.79 9.44 21.85
CA PHE B 27 9.36 9.35 22.13
C PHE B 27 8.87 7.91 22.20
N ALA B 28 9.78 6.95 22.14
CA ALA B 28 9.42 5.54 21.99
C ALA B 28 9.09 4.88 23.32
N TRP B 29 9.61 5.40 24.45
CA TRP B 29 9.52 4.69 25.73
C TRP B 29 8.11 4.24 26.11
N PRO B 30 7.02 4.95 25.78
CA PRO B 30 5.69 4.40 26.06
C PRO B 30 5.35 3.19 25.23
N PHE B 31 6.09 2.89 24.17
CA PHE B 31 5.72 1.80 23.27
C PHE B 31 6.75 0.67 23.23
N ARG B 32 7.70 0.63 24.17
CA ARG B 32 8.68 -0.45 24.09
C ARG B 32 8.21 -1.74 24.72
N GLN B 33 7.17 -1.70 25.54
CA GLN B 33 6.69 -2.81 26.35
C GLN B 33 5.16 -2.69 26.52
N PRO B 34 4.46 -3.82 26.69
CA PRO B 34 3.00 -3.78 26.70
C PRO B 34 2.46 -2.81 27.74
N VAL B 35 1.27 -2.26 27.47
CA VAL B 35 0.59 -1.38 28.42
C VAL B 35 0.17 -2.18 29.64
N ASP B 36 0.72 -1.86 30.80
CA ASP B 36 0.21 -2.43 32.05
C ASP B 36 -0.85 -1.47 32.57
N ALA B 37 -2.12 -1.86 32.42
CA ALA B 37 -3.24 -0.97 32.72
C ALA B 37 -3.18 -0.46 34.16
N VAL B 38 -2.75 -1.30 35.09
CA VAL B 38 -2.83 -0.90 36.49
C VAL B 38 -1.68 0.05 36.88
N LYS B 39 -0.51 -0.11 36.30
CA LYS B 39 0.58 0.79 36.67
C LYS B 39 0.38 2.17 36.07
N LEU B 40 -0.06 2.23 34.82
CA LEU B 40 -0.14 3.54 34.11
C LEU B 40 -1.37 4.36 34.46
N GLY B 41 -2.29 3.82 35.23
CA GLY B 41 -3.46 4.60 35.65
C GLY B 41 -4.54 4.58 34.60
N LEU B 42 -4.69 3.47 33.90
CA LEU B 42 -5.68 3.38 32.79
C LEU B 42 -6.54 2.13 32.95
N PRO B 43 -7.53 2.06 33.85
CA PRO B 43 -8.28 0.81 34.09
C PRO B 43 -9.23 0.37 32.98
N ASP B 44 -9.82 1.31 32.23
CA ASP B 44 -10.78 1.00 31.14
C ASP B 44 -10.01 0.66 29.89
N TYR B 45 -8.71 0.57 30.03
CA TYR B 45 -7.91 0.42 28.82
C TYR B 45 -8.34 -0.81 28.05
N HIS B 46 -8.54 -1.92 28.78
CA HIS B 46 -8.87 -3.18 28.13
C HIS B 46 -10.35 -3.34 27.80
N LYS B 47 -11.23 -2.47 28.31
CA LYS B 47 -12.56 -2.34 27.69
C LYS B 47 -12.44 -1.70 26.30
N ILE B 48 -11.56 -0.71 26.17
CA ILE B 48 -11.45 0.04 24.91
C ILE B 48 -10.60 -0.70 23.90
N ILE B 49 -9.46 -1.24 24.32
CA ILE B 49 -8.44 -1.75 23.40
C ILE B 49 -8.47 -3.27 23.45
N LYS B 50 -9.07 -3.89 22.43
CA LYS B 50 -9.22 -5.34 22.41
C LYS B 50 -7.99 -6.05 21.87
N GLN B 51 -7.15 -5.38 21.09
CA GLN B 51 -5.91 -5.97 20.62
C GLN B 51 -4.74 -5.07 21.01
N PRO B 52 -4.21 -5.23 22.22
CA PRO B 52 -3.03 -4.46 22.62
C PRO B 52 -1.82 -4.83 21.76
N MET B 53 -0.86 -3.89 21.69
CA MET B 53 0.32 -4.05 20.84
C MET B 53 1.38 -3.03 21.25
N ASP B 54 2.64 -3.43 21.05
CA ASP B 54 3.77 -2.67 21.55
C ASP B 54 5.02 -3.21 20.87
N MET B 55 6.03 -2.33 20.69
CA MET B 55 7.24 -2.68 19.94
C MET B 55 8.01 -3.86 20.55
N GLY B 56 7.95 -4.03 21.88
CA GLY B 56 8.58 -5.19 22.48
C GLY B 56 7.98 -6.50 22.00
N THR B 57 6.64 -6.55 21.88
CA THR B 57 6.01 -7.72 21.30
C THR B 57 6.43 -7.90 19.84
N ILE B 58 6.38 -6.84 19.03
CA ILE B 58 6.78 -6.95 17.63
C ILE B 58 8.23 -7.38 17.53
N LYS B 59 9.05 -7.00 18.50
CA LYS B 59 10.47 -7.30 18.48
C LYS B 59 10.75 -8.78 18.76
N ARG B 60 10.15 -9.34 19.84
CA ARG B 60 10.30 -10.77 20.11
C ARG B 60 9.79 -11.58 18.93
N ARG B 61 8.72 -11.10 18.28
CA ARG B 61 8.19 -11.78 17.11
C ARG B 61 9.12 -11.63 15.91
N LEU B 62 9.81 -10.50 15.79
CA LEU B 62 10.69 -10.33 14.65
C LEU B 62 11.87 -11.28 14.71
N GLU B 63 12.36 -11.57 15.92
CA GLU B 63 13.58 -12.36 16.07
C GLU B 63 13.28 -13.82 16.38
N ASN B 64 12.00 -14.22 16.41
CA ASN B 64 11.64 -15.64 16.43
C ASN B 64 10.99 -16.05 15.13
N ASN B 65 11.19 -15.26 14.07
CA ASN B 65 10.53 -15.46 12.75
C ASN B 65 9.06 -15.83 12.91
N TYR B 66 8.35 -15.03 13.70
CA TYR B 66 6.91 -15.19 13.85
C TYR B 66 6.18 -14.76 12.60
N TYR B 67 6.68 -13.72 11.94
CA TYR B 67 5.93 -13.11 10.85
C TYR B 67 6.08 -13.90 9.57
N TRP B 68 5.02 -13.87 8.77
CA TRP B 68 5.01 -14.53 7.48
C TRP B 68 5.16 -13.56 6.31
N ALA B 69 4.84 -12.28 6.50
CA ALA B 69 5.04 -11.27 5.47
C ALA B 69 5.52 -9.98 6.14
N ALA B 70 6.12 -9.11 5.33
CA ALA B 70 6.40 -7.76 5.80
C ALA B 70 5.12 -7.06 6.27
N SER B 71 4.07 -7.08 5.43
CA SER B 71 2.80 -6.47 5.81
C SER B 71 2.26 -7.05 7.12
N GLU B 72 2.42 -8.36 7.32
CA GLU B 72 1.99 -8.99 8.57
C GLU B 72 2.57 -8.27 9.78
N CYS B 73 3.84 -7.85 9.69
CA CYS B 73 4.46 -7.16 10.81
C CYS B 73 4.12 -5.67 10.80
N MET B 74 3.98 -5.07 9.61
CA MET B 74 3.54 -3.68 9.54
C MET B 74 2.14 -3.51 10.09
N GLN B 75 1.31 -4.55 10.04
CA GLN B 75 -0.01 -4.45 10.63
C GLN B 75 0.06 -4.30 12.14
N ASP B 76 0.98 -5.04 12.79
CA ASP B 76 1.18 -4.92 14.23
C ASP B 76 1.58 -3.50 14.60
N PHE B 77 2.55 -2.93 13.89
CA PHE B 77 2.93 -1.55 14.11
C PHE B 77 1.71 -0.64 14.02
N ASN B 78 0.85 -0.92 13.05
CA ASN B 78 -0.28 -0.04 12.83
C ASN B 78 -1.29 -0.15 13.97
N THR B 79 -1.57 -1.38 14.41
CA THR B 79 -2.44 -1.55 15.55
C THR B 79 -1.91 -0.81 16.78
N MET B 80 -0.59 -0.85 16.98
CA MET B 80 0.02 -0.15 18.12
C MET B 80 -0.30 1.34 18.08
N PHE B 81 0.03 2.00 16.97
CA PHE B 81 -0.26 3.42 16.85
C PHE B 81 -1.76 3.70 16.98
N THR B 82 -2.60 2.82 16.41
CA THR B 82 -4.04 3.06 16.39
C THR B 82 -4.67 2.91 17.78
N ASN B 83 -4.23 1.94 18.58
CA ASN B 83 -4.71 1.87 19.96
C ASN B 83 -4.46 3.17 20.70
N CYS B 84 -3.25 3.72 20.52
CA CYS B 84 -2.90 5.00 21.12
C CYS B 84 -3.89 6.11 20.73
N TYR B 85 -4.12 6.34 19.42
CA TYR B 85 -5.05 7.38 18.95
C TYR B 85 -6.47 7.13 19.46
N ILE B 86 -6.91 5.87 19.43
CA ILE B 86 -8.27 5.54 19.84
C ILE B 86 -8.46 5.73 21.35
N TYR B 87 -7.46 5.36 22.16
CA TYR B 87 -7.68 5.34 23.60
C TYR B 87 -7.49 6.71 24.26
N ASN B 88 -6.49 7.48 23.83
CA ASN B 88 -6.13 8.70 24.56
C ASN B 88 -6.88 9.92 24.01
N LYS B 89 -7.08 10.91 24.87
CA LYS B 89 -7.69 12.17 24.47
C LYS B 89 -6.86 12.87 23.39
N PRO B 90 -7.50 13.53 22.41
CA PRO B 90 -6.75 14.23 21.35
C PRO B 90 -5.65 15.15 21.85
N THR B 91 -5.80 15.73 23.06
CA THR B 91 -4.82 16.68 23.60
C THR B 91 -3.60 16.04 24.27
N ASP B 92 -3.56 14.71 24.43
CA ASP B 92 -2.51 14.08 25.23
C ASP B 92 -1.17 14.08 24.52
N ASP B 93 -0.10 14.25 25.28
CA ASP B 93 1.24 14.27 24.68
C ASP B 93 1.57 12.94 24.01
N ILE B 94 0.99 11.84 24.49
CA ILE B 94 1.30 10.57 23.85
C ILE B 94 0.75 10.51 22.42
N VAL B 95 -0.31 11.28 22.12
CA VAL B 95 -0.80 11.35 20.74
C VAL B 95 0.28 11.92 19.82
N LEU B 96 0.93 13.01 20.24
CA LEU B 96 2.02 13.56 19.43
C LEU B 96 3.19 12.58 19.33
N MET B 97 3.50 11.87 20.43
CA MET B 97 4.62 10.94 20.37
C MET B 97 4.36 9.84 19.34
N ALA B 98 3.12 9.33 19.29
CA ALA B 98 2.80 8.25 18.37
C ALA B 98 2.91 8.73 16.93
N GLN B 99 2.38 9.92 16.65
CA GLN B 99 2.45 10.48 15.31
C GLN B 99 3.89 10.67 14.83
N THR B 100 4.75 11.24 15.69
CA THR B 100 6.17 11.35 15.39
C THR B 100 6.81 9.99 15.12
N LEU B 101 6.55 9.01 16.00
CA LEU B 101 7.09 7.67 15.76
C LEU B 101 6.52 7.09 14.49
N GLU B 102 5.24 7.35 14.21
CA GLU B 102 4.55 6.71 13.08
C GLU B 102 5.06 7.26 11.75
N LYS B 103 5.30 8.57 11.69
CA LYS B 103 5.88 9.16 10.49
C LYS B 103 7.27 8.60 10.19
N ILE B 104 8.09 8.34 11.22
CA ILE B 104 9.36 7.66 10.99
C ILE B 104 9.11 6.30 10.36
N PHE B 105 8.18 5.53 10.90
CA PHE B 105 7.90 4.16 10.40
C PHE B 105 7.49 4.20 8.93
N LEU B 106 6.68 5.17 8.54
CA LEU B 106 6.16 5.20 7.16
C LEU B 106 7.29 5.51 6.18
N GLN B 107 8.17 6.42 6.53
CA GLN B 107 9.32 6.77 5.65
C GLN B 107 10.32 5.62 5.61
N LYS B 108 10.50 4.93 6.71
CA LYS B 108 11.43 3.78 6.72
C LYS B 108 10.80 2.61 6.00
N VAL B 109 9.49 2.49 6.03
CA VAL B 109 8.85 1.40 5.29
C VAL B 109 8.86 1.68 3.80
N ALA B 110 8.72 2.96 3.42
CA ALA B 110 8.67 3.33 2.01
C ALA B 110 9.88 2.77 1.26
N SER B 111 11.08 3.01 1.79
CA SER B 111 12.30 2.39 1.27
C SER B 111 12.57 1.01 1.87
N MET B 112 11.56 0.17 2.00
CA MET B 112 11.81 -1.25 2.26
C MET B 112 12.04 -1.97 0.94
N PRO B 113 13.06 -2.82 0.83
CA PRO B 113 13.32 -3.55 -0.41
C PRO B 113 12.09 -4.34 -0.89
N GLN B 114 11.87 -4.33 -2.21
CA GLN B 114 10.73 -4.98 -2.89
C GLN B 114 9.35 -4.55 -2.36
N THR C 8 -8.13 -23.72 -27.79
CA THR C 8 -9.23 -23.55 -26.83
C THR C 8 -8.92 -24.39 -25.61
N ASN C 9 -8.31 -25.55 -25.84
CA ASN C 9 -7.63 -26.26 -24.75
C ASN C 9 -6.61 -25.33 -24.10
N GLN C 10 -5.60 -24.94 -24.88
CA GLN C 10 -4.51 -24.10 -24.38
C GLN C 10 -4.97 -22.68 -24.10
N LEU C 11 -5.93 -22.17 -24.88
CA LEU C 11 -6.40 -20.82 -24.64
C LEU C 11 -7.16 -20.71 -23.33
N GLN C 12 -7.91 -21.75 -22.94
CA GLN C 12 -8.51 -21.73 -21.62
C GLN C 12 -7.43 -21.75 -20.54
N TYR C 13 -6.35 -22.51 -20.77
CA TYR C 13 -5.27 -22.59 -19.81
C TYR C 13 -4.53 -21.26 -19.66
N LEU C 14 -4.25 -20.60 -20.78
CA LEU C 14 -3.57 -19.30 -20.73
C LEU C 14 -4.39 -18.28 -19.95
N HIS C 15 -5.72 -18.29 -20.14
CA HIS C 15 -6.64 -17.41 -19.42
C HIS C 15 -6.70 -17.78 -17.94
N LYS C 16 -7.11 -19.02 -17.64
CA LYS C 16 -7.44 -19.42 -16.28
C LYS C 16 -6.22 -19.69 -15.39
N VAL C 17 -5.08 -20.05 -15.96
CA VAL C 17 -3.88 -20.36 -15.17
C VAL C 17 -2.82 -19.28 -15.32
N VAL C 18 -2.29 -19.09 -16.53
CA VAL C 18 -1.20 -18.14 -16.75
C VAL C 18 -1.65 -16.73 -16.43
N MET C 19 -2.75 -16.28 -17.05
CA MET C 19 -3.20 -14.92 -16.83
C MET C 19 -3.63 -14.69 -15.38
N LYS C 20 -4.34 -15.65 -14.78
CA LYS C 20 -4.80 -15.46 -13.41
C LYS C 20 -3.61 -15.30 -12.47
N ALA C 21 -2.55 -16.09 -12.67
CA ALA C 21 -1.38 -15.95 -11.82
C ALA C 21 -0.70 -14.63 -12.06
N LEU C 22 -0.38 -14.31 -13.33
CA LEU C 22 0.35 -13.08 -13.65
C LEU C 22 -0.45 -11.83 -13.29
N TRP C 23 -1.79 -11.91 -13.26
CA TRP C 23 -2.60 -10.72 -13.00
C TRP C 23 -2.57 -10.31 -11.53
N LYS C 24 -2.55 -11.29 -10.62
CA LYS C 24 -2.56 -11.01 -9.18
C LYS C 24 -1.16 -10.78 -8.59
N HIS C 25 -0.09 -11.10 -9.32
CA HIS C 25 1.26 -10.93 -8.83
C HIS C 25 1.55 -9.46 -8.51
N GLN C 26 2.45 -9.23 -7.53
CA GLN C 26 2.68 -7.89 -7.02
C GLN C 26 3.40 -6.99 -8.02
N PHE C 27 4.21 -7.59 -8.90
CA PHE C 27 4.93 -6.87 -9.94
C PHE C 27 4.08 -6.66 -11.19
N ALA C 28 2.79 -6.95 -11.13
CA ALA C 28 1.91 -6.82 -12.29
C ALA C 28 1.48 -5.39 -12.57
N TRP C 29 1.59 -4.48 -11.60
CA TRP C 29 0.94 -3.18 -11.76
C TRP C 29 1.43 -2.35 -12.94
N PRO C 30 2.72 -2.33 -13.32
CA PRO C 30 3.11 -1.51 -14.48
C PRO C 30 2.55 -2.02 -15.79
N PHE C 31 1.98 -3.22 -15.79
CA PHE C 31 1.57 -3.87 -17.03
C PHE C 31 0.06 -4.05 -17.16
N ARG C 32 -0.73 -3.67 -16.14
CA ARG C 32 -2.15 -3.89 -16.23
C ARG C 32 -2.83 -2.96 -17.21
N GLN C 33 -2.17 -1.87 -17.55
CA GLN C 33 -2.75 -0.89 -18.45
C GLN C 33 -1.68 -0.54 -19.47
N PRO C 34 -2.08 -0.12 -20.66
CA PRO C 34 -1.09 0.33 -21.64
C PRO C 34 -0.24 1.45 -21.07
N VAL C 35 1.03 1.46 -21.47
CA VAL C 35 1.90 2.57 -21.12
C VAL C 35 1.28 3.83 -21.68
N ASP C 36 0.97 4.78 -20.80
CA ASP C 36 0.61 6.11 -21.26
C ASP C 36 1.88 6.89 -21.58
N ALA C 37 2.04 7.29 -22.83
CA ALA C 37 3.24 8.05 -23.19
C ALA C 37 3.26 9.42 -22.51
N VAL C 38 2.10 10.05 -22.38
CA VAL C 38 2.03 11.40 -21.81
C VAL C 38 2.22 11.35 -20.30
N LYS C 39 1.35 10.63 -19.60
CA LYS C 39 1.30 10.72 -18.13
C LYS C 39 2.61 10.32 -17.48
N LEU C 40 3.29 9.31 -18.04
CA LEU C 40 4.55 8.81 -17.51
C LEU C 40 5.76 9.57 -18.02
N GLY C 41 5.56 10.73 -18.62
CA GLY C 41 6.68 11.54 -19.05
C GLY C 41 7.61 10.84 -20.01
N LEU C 42 7.06 10.03 -20.92
CA LEU C 42 7.84 9.22 -21.85
C LEU C 42 7.43 9.57 -23.28
N PRO C 43 7.95 10.69 -23.84
CA PRO C 43 7.58 11.05 -25.22
C PRO C 43 8.09 10.04 -26.24
N ASP C 44 9.39 9.72 -26.15
CA ASP C 44 10.01 8.87 -27.15
C ASP C 44 9.52 7.43 -27.11
N TYR C 45 8.66 7.05 -26.15
CA TYR C 45 8.26 5.65 -26.00
C TYR C 45 7.84 5.02 -27.32
N HIS C 46 6.97 5.71 -28.07
CA HIS C 46 6.43 5.15 -29.31
C HIS C 46 7.33 5.35 -30.51
N LYS C 47 8.34 6.23 -30.44
CA LYS C 47 9.42 6.17 -31.42
C LYS C 47 10.22 4.87 -31.29
N ILE C 48 10.40 4.37 -30.06
CA ILE C 48 11.21 3.19 -29.80
C ILE C 48 10.39 1.92 -29.86
N ILE C 49 9.27 1.88 -29.14
CA ILE C 49 8.41 0.70 -29.07
C ILE C 49 7.33 0.83 -30.13
N LYS C 50 7.47 0.08 -31.22
CA LYS C 50 6.55 0.16 -32.34
C LYS C 50 5.29 -0.67 -32.15
N GLN C 51 5.24 -1.53 -31.11
CA GLN C 51 4.10 -2.42 -30.89
C GLN C 51 3.86 -2.55 -29.40
N PRO C 52 3.17 -1.58 -28.80
CA PRO C 52 2.95 -1.65 -27.35
C PRO C 52 2.07 -2.83 -27.00
N MET C 53 2.27 -3.34 -25.78
CA MET C 53 1.43 -4.44 -25.31
C MET C 53 1.45 -4.43 -23.79
N ASP C 54 0.37 -4.95 -23.20
CA ASP C 54 0.06 -4.80 -21.80
C ASP C 54 -0.85 -5.96 -21.40
N MET C 55 -0.87 -6.26 -20.11
CA MET C 55 -1.67 -7.38 -19.63
C MET C 55 -3.16 -7.09 -19.72
N GLY C 56 -3.57 -5.82 -19.63
CA GLY C 56 -4.97 -5.51 -19.75
C GLY C 56 -5.53 -5.90 -21.11
N THR C 57 -4.80 -5.61 -22.18
CA THR C 57 -5.22 -5.99 -23.52
C THR C 57 -5.31 -7.50 -23.65
N ILE C 58 -4.27 -8.22 -23.19
CA ILE C 58 -4.26 -9.68 -23.27
C ILE C 58 -5.42 -10.25 -22.45
N LYS C 59 -5.67 -9.68 -21.26
CA LYS C 59 -6.77 -10.16 -20.44
C LYS C 59 -8.12 -9.97 -21.15
N ARG C 60 -8.30 -8.83 -21.84
CA ARG C 60 -9.54 -8.63 -22.55
C ARG C 60 -9.65 -9.58 -23.75
N ARG C 61 -8.53 -9.87 -24.39
CA ARG C 61 -8.55 -10.79 -25.52
C ARG C 61 -8.84 -12.21 -25.04
N LEU C 62 -8.30 -12.59 -23.89
CA LEU C 62 -8.54 -13.92 -23.35
C LEU C 62 -10.01 -14.10 -23.00
N GLU C 63 -10.63 -13.06 -22.46
CA GLU C 63 -12.05 -13.14 -22.12
C GLU C 63 -12.91 -13.18 -23.39
N ASN C 64 -12.57 -12.37 -24.40
CA ASN C 64 -13.39 -12.19 -25.59
C ASN C 64 -13.09 -13.17 -26.72
N ASN C 65 -12.29 -14.21 -26.46
CA ASN C 65 -11.95 -15.22 -27.47
C ASN C 65 -11.36 -14.59 -28.73
N TYR C 66 -10.61 -13.50 -28.59
CA TYR C 66 -9.93 -12.87 -29.74
C TYR C 66 -8.93 -13.84 -30.34
N TYR C 67 -8.29 -14.65 -29.51
CA TYR C 67 -7.18 -15.47 -30.02
C TYR C 67 -7.59 -16.72 -30.80
N TRP C 68 -6.86 -17.02 -31.86
CA TRP C 68 -7.12 -18.19 -32.72
C TRP C 68 -6.23 -19.29 -32.17
N ALA C 69 -5.02 -18.90 -31.78
CA ALA C 69 -4.05 -19.88 -31.30
C ALA C 69 -3.35 -19.33 -30.06
N ALA C 70 -2.98 -20.23 -29.17
CA ALA C 70 -2.25 -19.84 -27.95
C ALA C 70 -0.93 -19.19 -28.36
N SER C 71 -0.37 -19.59 -29.48
CA SER C 71 0.82 -18.94 -30.04
C SER C 71 0.65 -17.43 -30.01
N GLU C 72 -0.53 -16.91 -30.31
CA GLU C 72 -0.77 -15.46 -30.41
C GLU C 72 -0.82 -14.80 -29.05
N CYS C 73 -1.41 -15.46 -28.08
CA CYS C 73 -1.42 -14.94 -26.70
C CYS C 73 0.03 -15.01 -26.23
N MET C 74 0.73 -16.08 -26.61
CA MET C 74 2.10 -16.16 -26.13
C MET C 74 2.95 -15.03 -26.72
N GLN C 75 2.74 -14.69 -27.99
CA GLN C 75 3.52 -13.60 -28.58
C GLN C 75 3.20 -12.27 -27.89
N ASP C 76 1.95 -12.06 -27.48
CA ASP C 76 1.58 -10.77 -26.88
C ASP C 76 2.20 -10.60 -25.50
N PHE C 77 2.21 -11.66 -24.69
CA PHE C 77 3.01 -11.65 -23.47
C PHE C 77 4.46 -11.32 -23.78
N ASN C 78 5.06 -12.04 -24.73
CA ASN C 78 6.50 -11.85 -24.94
C ASN C 78 6.79 -10.46 -25.47
N THR C 79 5.86 -9.90 -26.24
CA THR C 79 6.03 -8.55 -26.77
C THR C 79 6.01 -7.52 -25.65
N MET C 80 5.09 -7.69 -24.69
CA MET C 80 5.02 -6.79 -23.55
C MET C 80 6.31 -6.84 -22.71
N PHE C 81 6.85 -8.05 -22.48
CA PHE C 81 8.10 -8.18 -21.76
C PHE C 81 9.26 -7.60 -22.56
N THR C 82 9.32 -7.93 -23.85
CA THR C 82 10.43 -7.46 -24.67
C THR C 82 10.44 -5.95 -24.83
N ASN C 83 9.28 -5.35 -25.08
CA ASN C 83 9.16 -3.90 -25.09
C ASN C 83 9.84 -3.32 -23.87
N CYS C 84 9.52 -3.87 -22.69
CA CYS C 84 10.04 -3.35 -21.42
C CYS C 84 11.58 -3.43 -21.36
N TYR C 85 12.15 -4.60 -21.70
CA TYR C 85 13.61 -4.73 -21.68
C TYR C 85 14.27 -3.74 -22.65
N ILE C 86 13.67 -3.54 -23.82
CA ILE C 86 14.30 -2.70 -24.84
C ILE C 86 14.27 -1.24 -24.44
N TYR C 87 13.15 -0.77 -23.90
CA TYR C 87 13.00 0.66 -23.67
C TYR C 87 13.72 1.12 -22.39
N ASN C 88 13.57 0.38 -21.30
CA ASN C 88 14.01 0.88 -20.00
C ASN C 88 15.48 0.57 -19.73
N LYS C 89 16.10 1.38 -18.89
CA LYS C 89 17.51 1.26 -18.57
C LYS C 89 17.76 0.00 -17.72
N PRO C 90 18.89 -0.69 -17.94
CA PRO C 90 19.10 -2.01 -17.30
C PRO C 90 18.85 -2.06 -15.81
N THR C 91 19.19 -0.97 -15.10
CA THR C 91 19.10 -0.91 -13.65
C THR C 91 17.67 -0.74 -13.15
N ASP C 92 16.80 -0.23 -14.01
CA ASP C 92 15.39 0.06 -13.65
C ASP C 92 14.75 -1.17 -13.03
N ASP C 93 13.94 -0.96 -12.01
CA ASP C 93 13.35 -2.10 -11.29
C ASP C 93 12.27 -2.72 -12.14
N ILE C 94 11.69 -1.95 -13.04
CA ILE C 94 10.67 -2.50 -13.96
C ILE C 94 11.26 -3.66 -14.77
N VAL C 95 12.55 -3.63 -15.08
CA VAL C 95 13.18 -4.66 -15.93
C VAL C 95 13.21 -5.95 -15.10
N LEU C 96 13.48 -5.83 -13.82
CA LEU C 96 13.51 -6.99 -12.92
C LEU C 96 12.10 -7.45 -12.65
N MET C 97 11.17 -6.52 -12.58
CA MET C 97 9.75 -6.92 -12.44
C MET C 97 9.35 -7.72 -13.69
N ALA C 98 9.68 -7.20 -14.87
CA ALA C 98 9.38 -7.97 -16.07
C ALA C 98 10.08 -9.33 -16.06
N GLN C 99 11.31 -9.38 -15.51
CA GLN C 99 12.03 -10.66 -15.44
C GLN C 99 11.28 -11.67 -14.56
N THR C 100 10.79 -11.23 -13.41
CA THR C 100 10.11 -12.16 -12.51
C THR C 100 8.82 -12.68 -13.13
N LEU C 101 7.98 -11.77 -13.64
CA LEU C 101 6.74 -12.21 -14.28
C LEU C 101 7.02 -13.14 -15.44
N GLU C 102 8.11 -12.91 -16.19
CA GLU C 102 8.35 -13.72 -17.38
C GLU C 102 8.74 -15.16 -17.02
N LYS C 103 9.44 -15.37 -15.90
CA LYS C 103 9.78 -16.74 -15.52
C LYS C 103 8.53 -17.54 -15.16
N ILE C 104 7.65 -16.94 -14.36
CA ILE C 104 6.35 -17.53 -14.06
C ILE C 104 5.59 -17.83 -15.34
N PHE C 105 5.47 -16.81 -16.20
CA PHE C 105 4.82 -17.01 -17.49
C PHE C 105 5.40 -18.21 -18.23
N LEU C 106 6.73 -18.29 -18.33
CA LEU C 106 7.34 -19.38 -19.08
C LEU C 106 7.17 -20.72 -18.36
N GLN C 107 7.32 -20.72 -17.04
CA GLN C 107 7.03 -21.91 -16.23
C GLN C 107 5.64 -22.45 -16.54
N LYS C 108 4.63 -21.57 -16.46
CA LYS C 108 3.25 -21.98 -16.66
C LYS C 108 3.01 -22.46 -18.09
N VAL C 109 3.74 -21.93 -19.07
CA VAL C 109 3.60 -22.43 -20.43
C VAL C 109 4.16 -23.85 -20.56
N ALA C 110 5.28 -24.13 -19.88
CA ALA C 110 5.92 -25.43 -19.95
C ALA C 110 4.98 -26.56 -19.59
N SER C 111 3.92 -26.26 -18.82
CA SER C 111 2.92 -27.24 -18.41
C SER C 111 1.58 -27.00 -19.08
N MET C 112 1.54 -26.18 -20.12
CA MET C 112 0.34 -26.03 -20.90
C MET C 112 0.07 -27.30 -21.71
N PRO C 113 -1.20 -27.66 -21.93
CA PRO C 113 -1.52 -28.83 -22.75
C PRO C 113 -1.47 -28.53 -24.24
N GLN C 114 -1.63 -29.59 -25.04
CA GLN C 114 -1.66 -29.45 -26.50
C GLN C 114 -2.96 -30.04 -27.10
C1 7UM D . -20.42 8.71 10.13
C2 7UM D . -20.53 10.04 9.42
C3 7UM D . -18.85 10.75 7.65
C4 7UM D . -17.16 11.21 8.83
C5 7UM D . -18.14 10.85 9.71
C6 7UM D . -17.93 10.80 11.12
N 7UM D . -19.23 10.54 8.94
C 7UM D . -20.26 7.57 9.13
O 7UM D . -18.75 10.56 12.00
C7 7UM D . -15.57 11.38 10.60
C8 7UM D . -14.80 11.65 8.28
N1 7UM D . -17.59 11.16 7.54
N2 7UM D . -16.60 11.08 11.45
N3 7UM D . -15.88 11.49 9.25
O1 7UM D . -14.42 11.47 11.00
N1 EPE E . -22.64 4.46 -0.28
C2 EPE E . -22.96 3.90 1.06
C3 EPE E . -23.93 4.82 1.81
N4 EPE E . -23.38 6.17 1.94
C5 EPE E . -23.15 6.71 0.60
C6 EPE E . -22.16 5.84 -0.14
C7 EPE E . -24.24 7.07 2.72
C8 EPE E . -24.74 6.44 4.00
O8 EPE E . -25.07 7.48 4.93
C9 EPE E . -21.66 3.63 -1.00
C10 EPE E . -20.87 4.36 -2.07
S EPE E . -20.01 3.31 -3.23
O1S EPE E . -21.02 2.60 -4.00
O2S EPE E . -19.18 4.16 -4.03
O3S EPE E . -19.20 2.32 -2.37
C1 7UM F . 1.24 9.29 29.53
C2 7UM F . 1.15 7.96 30.28
C3 7UM F . 2.29 5.94 29.27
C4 7UM F . 0.86 5.23 27.90
C5 7UM F . 0.28 6.33 28.49
C6 7UM F . -1.02 6.82 28.13
N 7UM F . 1.23 6.79 29.39
C 7UM F . 2.57 9.44 28.81
O 7UM F . -1.61 7.80 28.57
C7 7UM F . -1.04 4.98 26.46
C8 7UM F . 0.97 3.55 26.09
N1 7UM F . 2.09 4.98 28.38
N2 7UM F . -1.58 6.06 27.11
N3 7UM F . 0.23 4.54 26.89
O1 7UM F . -1.58 4.49 25.47
S SO4 G . 14.73 6.72 27.07
O1 SO4 G . 13.51 7.35 27.62
O2 SO4 G . 14.74 6.82 25.59
O3 SO4 G . 15.91 7.44 27.58
O4 SO4 G . 14.74 5.32 27.49
C1 7UM H . 7.84 3.20 -13.59
C2 7UM H . 6.72 3.80 -14.40
C3 7UM H . 5.01 2.31 -15.54
C4 7UM H . 6.06 1.63 -17.24
C5 7UM H . 6.93 2.49 -16.59
C6 7UM H . 8.26 2.74 -17.06
N 7UM H . 6.24 2.91 -15.47
C 7UM H . 7.41 1.98 -12.83
O 7UM H . 9.13 3.45 -16.55
C7 7UM H . 7.72 1.15 -18.88
C8 7UM H . 5.84 -0.37 -18.67
N1 7UM H . 4.86 1.54 -16.61
N2 7UM H . 8.54 2.03 -18.21
N3 7UM H . 6.44 0.94 -18.37
O1 7UM H . 8.12 0.53 -19.86
#